data_1YCW
#
_entry.id   1YCW
#
loop_
_entity.id
_entity.type
_entity.pdbx_description
1 polymer "5'-D(*CP*GP*CP*AP*TP*GP*(3DR)P*GP*TP*AP*CP*GP*C)-3'"
2 polymer "5'-D(*GP*CP*GP*TP*AP*CP*CP*(3DR)P*AP*TP*GP*CP*G)-3'"
#
loop_
_entity_poly.entity_id
_entity_poly.type
_entity_poly.pdbx_seq_one_letter_code
_entity_poly.pdbx_strand_id
1 'polydeoxyribonucleotide' (DC)(DG)(DC)(DA)(DT)(DG)(3DR)(DG)(DT)(DA)(DC)(DG)(DC) A
2 'polydeoxyribonucleotide' (DG)(DC)(DG)(DT)(DA)(DC)(DC)(3DR)(DA)(DT)(DG)(DC)(DG) B
#
loop_
_chem_comp.id
_chem_comp.type
_chem_comp.name
_chem_comp.formula
3DR DNA linking 1',2'-DIDEOXYRIBOFURANOSE-5'-PHOSPHATE 'C5 H11 O6 P'
DA DNA linking 2'-DEOXYADENOSINE-5'-MONOPHOSPHATE 'C10 H14 N5 O6 P'
DC DNA linking 2'-DEOXYCYTIDINE-5'-MONOPHOSPHATE 'C9 H14 N3 O7 P'
DG DNA linking 2'-DEOXYGUANOSINE-5'-MONOPHOSPHATE 'C10 H14 N5 O7 P'
DT DNA linking THYMIDINE-5'-MONOPHOSPHATE 'C10 H15 N2 O8 P'
#
# COMPACT_ATOMS: atom_id res chain seq x y z
O5' 3DR A 7 7.10 0.57 4.11
P 3DR A 7 7.14 -0.82 4.94
OP1 3DR A 7 8.53 -1.01 5.44
OP2 3DR A 7 6.02 -0.84 5.90
C2' 3DR A 7 3.49 -0.01 1.97
C5' 3DR A 7 6.03 1.53 4.22
C4' 3DR A 7 4.90 1.33 3.21
O4' 3DR A 7 5.34 1.42 1.84
C1' 3DR A 7 4.67 0.38 1.09
C3' 3DR A 7 4.18 -0.02 3.32
O3' 3DR A 7 3.28 -0.10 4.43
H2' 3DR A 7 3.00 -0.94 1.70
H2'' 3DR A 7 2.75 0.80 1.97
H5' 3DR A 7 6.46 2.52 4.06
H5'' 3DR A 7 5.62 1.49 5.23
H4'1 3DR A 7 4.15 2.12 3.38
H1'1 3DR A 7 4.34 0.77 0.13
H1'2 3DR A 7 5.33 -0.48 0.95
H3' 3DR A 7 4.92 -0.83 3.33
O5' 3DR B 8 -4.86 -1.66 -5.70
P 3DR B 8 -4.64 -2.02 -7.25
OP1 3DR B 8 -5.86 -2.69 -7.75
OP2 3DR B 8 -4.13 -0.82 -7.94
C2' 3DR B 8 -3.10 -0.79 -3.44
C5' 3DR B 8 -5.71 -0.60 -5.27
C4' 3DR B 8 -5.30 -0.08 -3.88
O4' 3DR B 8 -5.34 -1.12 -2.87
C1' 3DR B 8 -4.01 -1.27 -2.33
C3' 3DR B 8 -3.85 0.45 -3.86
O3' 3DR B 8 -3.69 1.54 -2.93
H2' 3DR B 8 -3.14 -1.49 -4.28
H2'' 3DR B 8 -2.06 -0.63 -3.16
H5' 3DR B 8 -6.73 -0.96 -5.21
H5'' 3DR B 8 -5.66 0.23 -5.96
H4'1 3DR B 8 -5.97 0.71 -3.58
H1'1 3DR B 8 -3.89 -0.64 -1.45
H1'2 3DR B 8 -3.81 -2.31 -2.07
H3' 3DR B 8 -3.56 0.81 -4.85
O5' 3DR A 7 6.48 1.10 3.08
P 3DR A 7 6.91 -0.14 4.04
OP1 3DR A 7 8.36 -0.04 4.30
OP2 3DR A 7 5.98 -0.19 5.19
C2' 3DR A 7 2.77 -0.11 1.63
C5' 3DR A 7 5.35 1.94 3.34
C4' 3DR A 7 4.09 1.53 2.56
O4' 3DR A 7 4.31 1.57 1.14
C1' 3DR A 7 3.76 0.37 0.57
C3' 3DR A 7 3.61 0.10 2.87
O3' 3DR A 7 2.87 0.00 4.09
H2' 3DR A 7 2.41 -1.14 1.50
H2'' 3DR A 7 1.92 0.56 1.66
H5' 3DR A 7 5.62 2.96 3.05
H5'' 3DR A 7 5.12 1.93 4.40
H4'1 3DR A 7 3.28 2.22 2.82
H1'1 3DR A 7 3.25 0.59 -0.37
H1'2 3DR A 7 4.54 -0.38 0.42
H3' 3DR A 7 4.46 -0.58 2.85
O5' 3DR B 8 -5.06 -1.97 -5.72
P 3DR B 8 -5.05 -2.49 -7.25
OP1 3DR B 8 -6.36 -3.13 -7.54
OP2 3DR B 8 -4.56 -1.39 -8.10
C2' 3DR B 8 -3.27 -1.10 -3.48
C5' 3DR B 8 -5.90 -0.89 -5.27
C4' 3DR B 8 -5.45 -0.38 -3.90
O4' 3DR B 8 -5.49 -1.41 -2.89
C1' 3DR B 8 -4.16 -1.56 -2.36
C3' 3DR B 8 -4.01 0.14 -3.91
O3' 3DR B 8 -3.82 1.24 -3.00
H2' 3DR B 8 -3.32 -1.82 -4.31
H2'' 3DR B 8 -2.22 -0.95 -3.23
H5' 3DR B 8 -6.93 -1.26 -5.19
H5'' 3DR B 8 -5.86 -0.08 -5.99
H4'1 3DR B 8 -6.12 0.43 -3.60
H1'1 3DR B 8 -4.02 -0.92 -1.49
H1'2 3DR B 8 -3.98 -2.61 -2.08
H3' 3DR B 8 -3.73 0.48 -4.91
O5' 3DR A 7 5.94 0.10 5.43
P 3DR A 7 7.19 0.00 4.42
OP1 3DR A 7 7.12 1.15 3.49
OP2 3DR A 7 8.42 -0.20 5.23
C2' 3DR A 7 2.94 1.02 8.02
C5' 3DR A 7 5.70 -0.87 6.45
C4' 3DR A 7 4.73 -0.36 7.52
O4' 3DR A 7 5.25 0.80 8.20
C1' 3DR A 7 4.23 1.81 8.17
C3' 3DR A 7 3.37 0.07 6.94
O3' 3DR A 7 2.44 -1.01 6.78
H2' 3DR A 7 2.05 1.61 7.77
H2'' 3DR A 7 2.74 0.45 8.93
H5' 3DR A 7 6.64 -1.12 6.94
H5'' 3DR A 7 5.29 -1.76 6.00
H4'1 3DR A 7 4.56 -1.16 8.25
H1'1 3DR A 7 4.36 2.47 7.32
H1'2 3DR A 7 4.23 2.40 9.09
H3' 3DR A 7 3.50 0.64 6.02
O5' 3DR B 8 -4.75 -1.83 -5.12
P 3DR B 8 -4.95 -2.16 -6.67
OP1 3DR B 8 -6.22 -2.90 -6.84
OP2 3DR B 8 -4.71 -0.92 -7.45
C2' 3DR B 8 -2.49 -0.81 -3.24
C5' 3DR B 8 -5.54 -0.87 -4.40
C4' 3DR B 8 -4.79 -0.34 -3.18
O4' 3DR B 8 -4.48 -1.36 -2.21
C1' 3DR B 8 -3.07 -1.29 -1.93
C3' 3DR B 8 -3.45 0.32 -3.55
O3' 3DR B 8 -3.20 1.49 -2.76
H2' 3DR B 8 -2.63 -1.59 -4.00
H2'' 3DR B 8 -1.44 -0.52 -3.23
H5' 3DR B 8 -6.46 -1.34 -4.07
H5'' 3DR B 8 -5.78 -0.04 -5.07
H4'1 3DR B 8 -5.42 0.42 -2.70
H1'1 3DR B 8 -2.68 -2.26 -1.64
H1'2 3DR B 8 -2.87 -0.55 -1.15
H3' 3DR B 8 -3.43 0.60 -4.60
O5' 3DR A 7 5.53 1.01 4.43
P 3DR A 7 6.99 0.33 4.56
OP1 3DR A 7 7.95 1.17 3.80
OP2 3DR A 7 7.27 0.05 6.00
C2' 3DR A 7 1.78 1.14 3.13
C5' 3DR A 7 4.57 1.03 5.50
C4' 3DR A 7 3.16 1.34 4.99
O4' 3DR A 7 3.15 2.61 4.27
C1' 3DR A 7 2.67 2.35 2.94
C3' 3DR A 7 2.68 0.28 3.99
O3' 3DR A 7 1.93 -0.81 4.55
H2' 3DR A 7 1.44 0.66 2.21
H2'' 3DR A 7 0.91 1.43 3.72
H5' 3DR A 7 4.87 1.81 6.20
H5'' 3DR A 7 4.57 0.07 6.02
H4'1 3DR A 7 2.48 1.40 5.83
H1'1 3DR A 7 3.51 2.10 2.27
H1'2 3DR A 7 2.13 3.21 2.55
H3' 3DR A 7 3.50 -0.05 3.35
O5' 3DR B 8 -5.65 -1.66 -5.64
P 3DR B 8 -5.04 -1.76 -7.13
OP1 3DR B 8 -6.01 -2.46 -7.99
OP2 3DR B 8 -4.54 -0.42 -7.52
C2' 3DR B 8 -3.99 0.17 -3.95
C5' 3DR B 8 -6.72 -0.77 -5.28
C4' 3DR B 8 -6.33 0.14 -4.12
O4' 3DR B 8 -5.95 -0.62 -2.94
C1' 3DR B 8 -4.57 -0.32 -2.63
C3' 3DR B 8 -5.14 1.05 -4.43
O3' 3DR B 8 -5.27 2.29 -3.72
H2' 3DR B 8 -3.91 -0.67 -4.64
H2'' 3DR B 8 -3.03 0.68 -3.88
H5' 3DR B 8 -7.58 -1.37 -4.97
H5'' 3DR B 8 -7.01 -0.15 -6.13
H4'1 3DR B 8 -7.18 0.76 -3.86
H1'1 3DR B 8 -4.07 -1.22 -2.26
H1'2 3DR B 8 -4.49 0.46 -1.88
H3' 3DR B 8 -5.09 1.27 -5.50
O5' 3DR A 7 6.16 0.38 4.69
P 3DR A 7 7.57 -0.42 4.74
OP1 3DR A 7 8.59 0.42 4.07
OP2 3DR A 7 7.80 -0.87 6.13
C2' 3DR A 7 2.73 1.78 3.37
C5' 3DR A 7 5.12 0.23 5.67
C4' 3DR A 7 3.86 1.00 5.26
O4' 3DR A 7 4.18 2.40 5.05
C1' 3DR A 7 3.87 2.72 3.68
C3' 3DR A 7 3.29 0.48 3.92
O3' 3DR A 7 2.24 -0.49 4.01
H2' 3DR A 7 2.43 1.72 2.32
H2'' 3DR A 7 1.86 2.06 3.96
H5' 3DR A 7 5.48 0.62 6.61
H5'' 3DR A 7 4.89 -0.83 5.79
H4'1 3DR A 7 3.11 0.91 6.04
H1'1 3DR A 7 3.59 3.76 3.58
H1'2 3DR A 7 4.72 2.50 3.04
H3' 3DR A 7 4.07 0.16 3.25
O5' 3DR B 8 -4.27 -1.49 -5.41
P 3DR B 8 -4.10 -1.70 -7.00
OP1 3DR B 8 -5.32 -2.33 -7.53
OP2 3DR B 8 -3.60 -0.43 -7.59
C2' 3DR B 8 -2.54 -0.73 -3.09
C5' 3DR B 8 -5.20 -0.55 -4.84
C4' 3DR B 8 -4.78 -0.16 -3.43
O4' 3DR B 8 -4.72 -1.29 -2.53
C1' 3DR B 8 -3.38 -1.38 -2.01
C3' 3DR B 8 -3.39 0.49 -3.38
O3' 3DR B 8 -3.29 1.49 -2.37
H2' 3DR B 8 -2.53 -1.35 -3.99
H2'' 3DR B 8 -1.51 -0.51 -2.81
H5' 3DR B 8 -6.19 -1.01 -4.81
H5'' 3DR B 8 -5.25 0.34 -5.47
H4'1 3DR B 8 -5.51 0.55 -3.04
H1'1 3DR B 8 -3.29 -0.82 -1.08
H1'2 3DR B 8 -3.10 -2.42 -1.85
H3' 3DR B 8 -3.14 0.94 -4.35
#